data_5N9P
#
_entry.id   5N9P
#
_cell.length_a   47.266
_cell.length_b   47.266
_cell.length_c   202.722
_cell.angle_alpha   90.00
_cell.angle_beta   90.00
_cell.angle_gamma   120.00
#
_symmetry.space_group_name_H-M   'P 31 2 1'
#
loop_
_entity.id
_entity.type
_entity.pdbx_description
1 polymer 'Protein enabled homolog'
2 polymer Ac-[2-Cl-F]-PP-[ProM-1]-NH2
3 non-polymer 'CHLORIDE ION'
4 water water
#
loop_
_entity_poly.entity_id
_entity_poly.type
_entity_poly.pdbx_seq_one_letter_code
_entity_poly.pdbx_strand_id
1 'polypeptide(L)'
;GSMSEQSICQARAAVMVYDDANKKWVPAGGSTGFSRVHIYHHTGNNTFRVVGRKIQDHQVVINCAIPKGLKYNQATQTFH
QWRDARQVYGLNFGSKEDANVFASAMMHALEVL
;
B,A
2 'polypeptide(L)' (ACE)(2L5)PP(92B)(NH2) C,D,E
#
# COMPACT_ATOMS: atom_id res chain seq x y z
N MET A 3 -2.85 -26.46 -6.82
CA MET A 3 -3.17 -27.49 -5.79
C MET A 3 -3.06 -26.98 -4.35
N SER A 4 -3.70 -25.85 -4.00
CA SER A 4 -4.52 -25.04 -4.90
C SER A 4 -3.74 -23.82 -5.45
N GLU A 5 -2.46 -23.72 -5.10
CA GLU A 5 -1.61 -22.63 -5.54
C GLU A 5 -0.39 -23.17 -6.28
N GLN A 6 0.05 -22.45 -7.31
CA GLN A 6 1.23 -22.80 -8.08
C GLN A 6 2.29 -21.73 -7.85
N SER A 7 3.54 -22.15 -7.68
CA SER A 7 4.63 -21.19 -7.59
C SER A 7 5.03 -20.77 -9.00
N ILE A 8 4.88 -19.47 -9.31
CA ILE A 8 5.24 -19.01 -10.65
C ILE A 8 6.66 -18.44 -10.70
N CYS A 9 7.32 -18.28 -9.58
CA CYS A 9 8.73 -17.94 -9.58
C CYS A 9 9.27 -18.13 -8.16
N GLN A 10 10.59 -18.17 -8.08
CA GLN A 10 11.32 -18.20 -6.83
C GLN A 10 12.58 -17.38 -7.02
N ALA A 11 12.92 -16.57 -6.02
CA ALA A 11 14.13 -15.77 -6.05
C ALA A 11 14.70 -15.68 -4.66
N ARG A 12 16.02 -15.53 -4.58
CA ARG A 12 16.72 -15.35 -3.31
C ARG A 12 16.83 -13.84 -3.05
N ALA A 13 16.35 -13.39 -1.91
CA ALA A 13 16.35 -11.95 -1.64
C ALA A 13 16.29 -11.72 -0.14
N ALA A 14 16.87 -10.61 0.29
CA ALA A 14 16.67 -10.13 1.65
C ALA A 14 15.39 -9.30 1.69
N VAL A 15 14.40 -9.76 2.43
CA VAL A 15 13.12 -9.09 2.49
C VAL A 15 13.22 -7.98 3.53
N MET A 16 12.81 -6.79 3.14
N MET A 16 12.82 -6.77 3.12
CA MET A 16 12.90 -5.62 4.00
CA MET A 16 12.91 -5.58 3.94
C MET A 16 11.56 -4.89 4.02
C MET A 16 11.55 -4.90 4.03
N VAL A 17 11.35 -4.12 5.09
CA VAL A 17 10.23 -3.20 5.19
C VAL A 17 10.79 -1.82 5.56
N TYR A 18 10.08 -0.78 5.12
CA TYR A 18 10.54 0.58 5.37
C TYR A 18 10.02 1.06 6.70
N ASP A 19 10.95 1.52 7.55
CA ASP A 19 10.63 2.11 8.85
C ASP A 19 10.44 3.60 8.62
N ASP A 20 9.17 4.01 8.53
CA ASP A 20 8.83 5.40 8.20
C ASP A 20 9.34 6.37 9.27
N ALA A 21 9.20 6.01 10.54
CA ALA A 21 9.58 6.92 11.62
C ALA A 21 11.07 7.27 11.55
N ASN A 22 11.90 6.27 11.27
CA ASN A 22 13.35 6.44 11.26
C ASN A 22 13.92 6.54 9.87
N LYS A 23 13.08 6.54 8.83
CA LYS A 23 13.52 6.74 7.46
C LYS A 23 14.66 5.79 7.12
N LYS A 24 14.42 4.50 7.34
CA LYS A 24 15.42 3.49 7.02
C LYS A 24 14.70 2.18 6.71
N TRP A 25 15.39 1.34 5.95
CA TRP A 25 14.92 -0.03 5.71
C TRP A 25 15.41 -0.95 6.82
N VAL A 26 14.52 -1.85 7.25
CA VAL A 26 14.87 -2.85 8.27
C VAL A 26 14.50 -4.22 7.75
N PRO A 27 15.15 -5.27 8.29
CA PRO A 27 14.83 -6.62 7.80
C PRO A 27 13.44 -7.05 8.24
N ALA A 28 12.67 -7.54 7.28
CA ALA A 28 11.36 -8.06 7.60
C ALA A 28 11.50 -9.24 8.54
N GLY A 29 10.71 -9.25 9.60
CA GLY A 29 10.71 -10.33 10.56
C GLY A 29 11.72 -10.16 11.66
N GLY A 30 12.54 -9.10 11.59
CA GLY A 30 13.42 -8.67 12.67
C GLY A 30 14.87 -9.04 12.60
N SER A 31 15.29 -9.90 11.66
CA SER A 31 16.69 -10.31 11.61
C SER A 31 17.20 -10.39 10.18
N THR A 32 18.49 -10.11 10.01
CA THR A 32 19.09 -10.15 8.69
C THR A 32 19.09 -11.57 8.12
N GLY A 33 19.45 -11.66 6.86
CA GLY A 33 19.62 -12.91 6.16
C GLY A 33 18.74 -13.01 4.94
N PHE A 34 19.11 -13.90 4.05
CA PHE A 34 18.40 -14.07 2.80
C PHE A 34 17.23 -15.03 2.98
N SER A 35 16.19 -14.80 2.18
CA SER A 35 15.02 -15.67 2.11
C SER A 35 14.84 -16.20 0.70
N ARG A 36 14.01 -17.23 0.59
CA ARG A 36 13.50 -17.73 -0.66
C ARG A 36 12.10 -17.18 -0.84
N VAL A 37 11.92 -16.36 -1.88
CA VAL A 37 10.70 -15.59 -2.08
C VAL A 37 10.01 -16.08 -3.35
N HIS A 38 8.73 -16.41 -3.22
CA HIS A 38 7.91 -16.91 -4.32
C HIS A 38 6.78 -15.95 -4.61
N ILE A 39 6.31 -15.96 -5.85
CA ILE A 39 4.95 -15.54 -6.15
C ILE A 39 4.12 -16.80 -6.35
N TYR A 40 3.01 -16.89 -5.61
CA TYR A 40 2.07 -18.01 -5.70
C TYR A 40 0.79 -17.54 -6.35
N HIS A 41 0.28 -18.36 -7.26
CA HIS A 41 -0.94 -18.06 -7.99
C HIS A 41 -2.01 -19.08 -7.58
N HIS A 42 -3.13 -18.58 -7.07
CA HIS A 42 -4.31 -19.42 -6.83
C HIS A 42 -5.15 -19.44 -8.10
N THR A 43 -5.14 -20.58 -8.79
CA THR A 43 -5.81 -20.64 -10.09
C THR A 43 -7.33 -20.55 -9.93
N GLY A 44 -7.87 -21.13 -8.86
CA GLY A 44 -9.31 -21.14 -8.68
C GLY A 44 -9.93 -19.76 -8.54
N ASN A 45 -9.22 -18.82 -7.95
CA ASN A 45 -9.70 -17.46 -7.72
C ASN A 45 -8.93 -16.41 -8.52
N ASN A 46 -7.89 -16.82 -9.24
CA ASN A 46 -7.01 -15.91 -9.97
C ASN A 46 -6.52 -14.78 -9.06
N THR A 47 -5.93 -15.17 -7.95
CA THR A 47 -5.26 -14.26 -7.05
C THR A 47 -3.80 -14.65 -6.93
N PHE A 48 -2.99 -13.69 -6.49
CA PHE A 48 -1.55 -13.88 -6.34
C PHE A 48 -1.12 -13.37 -4.98
N ARG A 49 -0.06 -13.96 -4.44
CA ARG A 49 0.55 -13.45 -3.24
C ARG A 49 2.06 -13.68 -3.30
N VAL A 50 2.78 -12.84 -2.53
CA VAL A 50 4.22 -13.02 -2.30
C VAL A 50 4.41 -13.69 -0.95
N VAL A 51 5.18 -14.77 -0.93
CA VAL A 51 5.47 -15.50 0.29
C VAL A 51 6.97 -15.81 0.34
N GLY A 52 7.57 -15.65 1.50
CA GLY A 52 8.99 -15.91 1.64
C GLY A 52 9.36 -16.42 3.01
N ARG A 53 10.34 -17.33 3.03
CA ARG A 53 10.91 -17.87 4.26
C ARG A 53 12.42 -17.64 4.31
N LYS A 54 12.89 -17.20 5.48
CA LYS A 54 14.32 -17.13 5.74
C LYS A 54 14.98 -18.48 5.53
N ILE A 55 16.11 -18.49 4.81
CA ILE A 55 16.82 -19.74 4.53
C ILE A 55 17.33 -20.39 5.81
N GLN A 56 17.91 -19.60 6.71
CA GLN A 56 18.63 -20.19 7.85
C GLN A 56 17.68 -20.87 8.83
N ASP A 57 16.54 -20.23 9.15
CA ASP A 57 15.67 -20.74 10.21
C ASP A 57 14.19 -20.87 9.80
N HIS A 58 13.86 -20.73 8.52
CA HIS A 58 12.54 -20.98 7.95
C HIS A 58 11.48 -19.96 8.38
N GLN A 59 11.86 -18.85 9.01
CA GLN A 59 10.87 -17.86 9.42
C GLN A 59 10.06 -17.39 8.23
N VAL A 60 8.73 -17.32 8.37
CA VAL A 60 7.91 -16.67 7.34
C VAL A 60 8.09 -15.17 7.50
N VAL A 61 8.70 -14.53 6.50
CA VAL A 61 9.01 -13.10 6.61
C VAL A 61 8.13 -12.24 5.72
N ILE A 62 7.37 -12.83 4.80
CA ILE A 62 6.45 -12.04 3.99
C ILE A 62 5.35 -12.98 3.53
N ASN A 63 4.12 -12.46 3.55
CA ASN A 63 2.94 -13.21 3.12
C ASN A 63 1.91 -12.14 2.78
N CYS A 64 2.00 -11.57 1.59
N CYS A 64 1.97 -11.66 1.54
CA CYS A 64 1.17 -10.42 1.26
CA CYS A 64 1.33 -10.42 1.11
C CYS A 64 0.52 -10.61 -0.09
C CYS A 64 0.52 -10.67 -0.14
N ALA A 65 -0.75 -10.23 -0.17
CA ALA A 65 -1.50 -10.29 -1.40
C ALA A 65 -0.92 -9.31 -2.42
N ILE A 66 -1.09 -9.66 -3.69
CA ILE A 66 -0.75 -8.78 -4.80
C ILE A 66 -2.07 -8.34 -5.41
N PRO A 67 -2.59 -7.16 -5.06
CA PRO A 67 -3.88 -6.73 -5.60
C PRO A 67 -3.76 -6.23 -7.04
N LYS A 68 -4.90 -6.29 -7.72
CA LYS A 68 -4.99 -5.74 -9.06
C LYS A 68 -4.63 -4.26 -8.97
N GLY A 69 -3.76 -3.80 -9.88
CA GLY A 69 -3.37 -2.40 -9.90
C GLY A 69 -2.11 -2.07 -9.13
N LEU A 70 -1.50 -3.05 -8.45
CA LEU A 70 -0.30 -2.77 -7.66
C LEU A 70 0.79 -2.20 -8.55
N LYS A 71 1.48 -1.18 -8.02
CA LYS A 71 2.62 -0.56 -8.67
C LYS A 71 3.91 -1.18 -8.13
N TYR A 72 4.64 -1.88 -8.98
CA TYR A 72 5.86 -2.57 -8.60
C TYR A 72 7.05 -1.75 -9.11
N ASN A 73 7.80 -1.17 -8.18
CA ASN A 73 8.83 -0.22 -8.53
C ASN A 73 10.18 -0.93 -8.54
N GLN A 74 10.81 -0.97 -9.72
CA GLN A 74 12.15 -1.53 -9.86
C GLN A 74 13.13 -0.38 -9.65
N ALA A 75 13.34 -0.05 -8.37
CA ALA A 75 14.15 1.13 -8.03
C ALA A 75 15.58 1.00 -8.56
N THR A 76 16.19 -0.18 -8.40
CA THR A 76 17.50 -0.49 -8.99
C THR A 76 17.41 -1.90 -9.58
N GLN A 77 18.50 -2.34 -10.22
CA GLN A 77 18.52 -3.67 -10.81
C GLN A 77 18.38 -4.80 -9.77
N THR A 78 18.66 -4.53 -8.50
CA THR A 78 18.59 -5.55 -7.48
C THR A 78 17.72 -5.17 -6.29
N PHE A 79 17.06 -4.01 -6.30
CA PHE A 79 16.16 -3.63 -5.21
C PHE A 79 14.82 -3.20 -5.81
N HIS A 80 13.79 -4.00 -5.58
CA HIS A 80 12.43 -3.71 -6.04
C HIS A 80 11.51 -3.57 -4.84
N GLN A 81 10.41 -2.83 -5.01
CA GLN A 81 9.59 -2.46 -3.87
C GLN A 81 8.13 -2.23 -4.30
N TRP A 82 7.22 -2.34 -3.33
CA TRP A 82 5.81 -2.03 -3.52
C TRP A 82 5.15 -1.67 -2.20
N ARG A 83 3.97 -1.07 -2.29
CA ARG A 83 3.23 -0.55 -1.15
C ARG A 83 2.07 -1.47 -0.77
N ASP A 84 1.75 -1.50 0.53
CA ASP A 84 0.37 -1.77 0.97
C ASP A 84 0.05 -0.76 2.06
N ALA A 85 -1.19 -0.82 2.58
CA ALA A 85 -1.65 0.20 3.53
C ALA A 85 -0.80 0.21 4.80
N ARG A 86 -0.21 -0.93 5.17
CA ARG A 86 0.51 -1.04 6.43
C ARG A 86 1.99 -0.71 6.28
N GLN A 87 2.59 -1.10 5.16
CA GLN A 87 4.04 -1.04 5.02
C GLN A 87 4.43 -0.95 3.57
N VAL A 88 5.66 -0.47 3.34
CA VAL A 88 6.33 -0.61 2.06
C VAL A 88 7.27 -1.81 2.17
N TYR A 89 7.14 -2.75 1.24
CA TYR A 89 8.00 -3.93 1.16
C TYR A 89 9.10 -3.72 0.14
N GLY A 90 10.28 -4.24 0.45
CA GLY A 90 11.38 -4.21 -0.48
C GLY A 90 12.03 -5.57 -0.54
N LEU A 91 12.51 -5.91 -1.74
CA LEU A 91 13.30 -7.12 -1.96
C LEU A 91 14.69 -6.71 -2.42
N ASN A 92 15.68 -7.05 -1.62
CA ASN A 92 17.08 -6.80 -1.96
C ASN A 92 17.61 -8.13 -2.49
N PHE A 93 17.62 -8.26 -3.81
CA PHE A 93 17.88 -9.56 -4.43
C PHE A 93 19.33 -9.95 -4.31
N GLY A 94 19.58 -11.25 -4.20
CA GLY A 94 20.93 -11.77 -4.10
C GLY A 94 21.75 -11.60 -5.36
N SER A 95 21.10 -11.38 -6.50
CA SER A 95 21.76 -11.21 -7.78
C SER A 95 20.82 -10.49 -8.73
N LYS A 96 21.38 -9.91 -9.80
CA LYS A 96 20.54 -9.34 -10.84
C LYS A 96 19.65 -10.40 -11.46
N GLU A 97 20.13 -11.64 -11.54
CA GLU A 97 19.33 -12.67 -12.17
C GLU A 97 18.12 -13.02 -11.32
N ASP A 98 18.32 -13.14 -10.01
CA ASP A 98 17.20 -13.37 -9.12
C ASP A 98 16.16 -12.26 -9.26
N ALA A 99 16.62 -10.99 -9.34
CA ALA A 99 15.73 -9.86 -9.50
C ALA A 99 14.93 -9.97 -10.78
N ASN A 100 15.57 -10.40 -11.87
N ASN A 100 15.60 -10.36 -11.87
CA ASN A 100 14.90 -10.39 -13.17
CA ASN A 100 14.95 -10.42 -13.18
C ASN A 100 13.88 -11.52 -13.30
C ASN A 100 13.86 -11.48 -13.21
N VAL A 101 14.15 -12.68 -12.70
CA VAL A 101 13.17 -13.76 -12.71
C VAL A 101 11.94 -13.36 -11.91
N PHE A 102 12.15 -12.71 -10.77
CA PHE A 102 11.03 -12.32 -9.93
C PHE A 102 10.23 -11.21 -10.56
N ALA A 103 10.91 -10.19 -11.11
CA ALA A 103 10.20 -9.09 -11.74
C ALA A 103 9.40 -9.56 -12.94
N SER A 104 9.96 -10.46 -13.74
CA SER A 104 9.23 -10.98 -14.89
C SER A 104 7.92 -11.61 -14.47
N ALA A 105 7.95 -12.44 -13.42
CA ALA A 105 6.74 -13.08 -12.93
C ALA A 105 5.76 -12.06 -12.35
N MET A 106 6.27 -11.10 -11.57
CA MET A 106 5.41 -10.05 -11.02
C MET A 106 4.69 -9.30 -12.14
N MET A 107 5.44 -8.89 -13.17
N MET A 107 5.42 -8.88 -13.17
CA MET A 107 4.84 -8.14 -14.27
CA MET A 107 4.78 -8.13 -14.24
C MET A 107 3.78 -8.98 -14.98
C MET A 107 3.75 -8.98 -14.96
N HIS A 108 4.02 -10.28 -15.12
CA HIS A 108 2.99 -11.16 -15.69
C HIS A 108 1.74 -11.20 -14.82
N ALA A 109 1.90 -11.42 -13.51
CA ALA A 109 0.77 -11.44 -12.59
C ALA A 109 -0.04 -10.16 -12.69
N LEU A 110 0.63 -9.01 -12.68
CA LEU A 110 -0.08 -7.74 -12.72
C LEU A 110 -0.83 -7.57 -14.03
N GLU A 111 -0.32 -8.17 -15.11
CA GLU A 111 -0.99 -8.09 -16.41
C GLU A 111 -2.27 -8.92 -16.43
N VAL A 112 -2.25 -10.08 -15.78
CA VAL A 112 -3.40 -10.98 -15.84
C VAL A 112 -4.38 -10.78 -14.71
N LEU A 113 -4.05 -9.93 -13.74
CA LEU A 113 -5.02 -9.57 -12.71
C LEU A 113 -6.10 -8.70 -13.32
N SER B 7 -21.77 7.13 8.84
CA SER B 7 -20.73 8.15 8.77
C SER B 7 -20.28 8.56 10.16
N ILE B 8 -19.00 8.32 10.48
CA ILE B 8 -18.47 8.73 11.78
C ILE B 8 -17.78 10.09 11.74
N CYS B 9 -17.58 10.67 10.55
CA CYS B 9 -17.04 12.01 10.46
C CYS B 9 -17.26 12.57 9.07
N GLN B 10 -17.08 13.89 8.96
CA GLN B 10 -17.09 14.60 7.70
C GLN B 10 -16.08 15.73 7.80
N ALA B 11 -15.30 15.91 6.74
CA ALA B 11 -14.30 16.97 6.71
C ALA B 11 -14.20 17.52 5.29
N ARG B 12 -13.81 18.79 5.21
CA ARG B 12 -13.62 19.47 3.93
C ARG B 12 -12.15 19.39 3.55
N ALA B 13 -11.86 18.87 2.36
CA ALA B 13 -10.48 18.71 1.96
C ALA B 13 -10.37 18.61 0.44
N ALA B 14 -9.23 19.02 -0.08
CA ALA B 14 -8.89 18.73 -1.46
C ALA B 14 -8.28 17.33 -1.48
N VAL B 15 -8.94 16.41 -2.15
CA VAL B 15 -8.49 15.02 -2.22
C VAL B 15 -7.49 14.90 -3.36
N MET B 16 -6.30 14.39 -3.04
N MET B 16 -6.31 14.39 -3.04
CA MET B 16 -5.19 14.30 -3.96
CA MET B 16 -5.22 14.31 -4.00
C MET B 16 -4.75 12.84 -4.09
C MET B 16 -4.69 12.88 -4.06
N VAL B 17 -4.16 12.51 -5.24
CA VAL B 17 -3.44 11.26 -5.39
C VAL B 17 -2.09 11.60 -5.99
N TYR B 18 -1.12 10.79 -5.67
CA TYR B 18 0.24 11.02 -6.12
C TYR B 18 0.43 10.37 -7.49
N ASP B 19 0.89 11.17 -8.45
CA ASP B 19 1.16 10.70 -9.80
C ASP B 19 2.58 10.18 -9.79
N ASP B 20 2.72 8.85 -9.74
CA ASP B 20 4.05 8.27 -9.58
C ASP B 20 4.97 8.69 -10.73
N ALA B 21 4.45 8.66 -11.96
CA ALA B 21 5.29 8.94 -13.12
C ALA B 21 5.89 10.33 -13.08
N ASN B 22 5.09 11.34 -12.71
CA ASN B 22 5.50 12.73 -12.78
C ASN B 22 5.91 13.31 -11.43
N LYS B 23 5.97 12.50 -10.38
CA LYS B 23 6.41 12.97 -9.08
C LYS B 23 5.63 14.21 -8.65
N LYS B 24 4.30 14.13 -8.71
CA LYS B 24 3.50 15.27 -8.28
C LYS B 24 2.15 14.79 -7.80
N TRP B 25 1.54 15.59 -6.93
CA TRP B 25 0.15 15.35 -6.53
C TRP B 25 -0.80 15.93 -7.58
N VAL B 26 -1.85 15.18 -7.88
CA VAL B 26 -2.89 15.64 -8.80
C VAL B 26 -4.24 15.49 -8.11
N PRO B 27 -5.24 16.24 -8.54
CA PRO B 27 -6.56 16.13 -7.91
C PRO B 27 -7.18 14.77 -8.17
N ALA B 28 -7.71 14.16 -7.12
CA ALA B 28 -8.36 12.87 -7.26
C ALA B 28 -9.54 13.01 -8.21
N GLY B 29 -9.62 12.09 -9.17
CA GLY B 29 -10.72 12.10 -10.12
C GLY B 29 -10.51 13.04 -11.29
N GLY B 30 -9.44 13.83 -11.29
CA GLY B 30 -9.16 14.66 -12.43
C GLY B 30 -9.72 16.06 -12.35
N SER B 31 -10.43 16.39 -11.27
CA SER B 31 -11.11 17.67 -11.17
C SER B 31 -10.67 18.39 -9.91
N THR B 32 -10.18 19.62 -10.08
CA THR B 32 -9.77 20.41 -8.94
C THR B 32 -10.98 20.79 -8.10
N GLY B 33 -10.73 21.23 -6.89
CA GLY B 33 -11.79 21.65 -6.00
C GLY B 33 -11.86 20.80 -4.76
N PHE B 34 -12.65 21.29 -3.80
CA PHE B 34 -12.80 20.64 -2.51
C PHE B 34 -13.87 19.55 -2.56
N SER B 35 -13.68 18.55 -1.70
CA SER B 35 -14.64 17.49 -1.49
C SER B 35 -15.05 17.48 -0.02
N ARG B 36 -16.21 16.88 0.25
CA ARG B 36 -16.60 16.53 1.61
C ARG B 36 -16.25 15.06 1.81
N VAL B 37 -15.41 14.79 2.80
CA VAL B 37 -14.78 13.48 2.96
C VAL B 37 -15.29 12.84 4.25
N HIS B 38 -15.82 11.63 4.13
CA HIS B 38 -16.37 10.90 5.26
C HIS B 38 -15.57 9.63 5.53
N ILE B 39 -15.58 9.20 6.78
CA ILE B 39 -15.30 7.81 7.15
C ILE B 39 -16.63 7.14 7.46
N TYR B 40 -16.91 6.03 6.78
CA TYR B 40 -18.14 5.29 6.95
C TYR B 40 -17.86 3.99 7.69
N HIS B 41 -18.75 3.66 8.62
CA HIS B 41 -18.62 2.43 9.42
C HIS B 41 -19.76 1.49 9.05
N HIS B 42 -19.40 0.31 8.56
CA HIS B 42 -20.38 -0.76 8.39
C HIS B 42 -20.44 -1.54 9.69
N THR B 43 -21.50 -1.34 10.45
CA THR B 43 -21.61 -1.94 11.77
C THR B 43 -21.80 -3.45 11.68
N GLY B 44 -22.50 -3.91 10.64
CA GLY B 44 -22.70 -5.35 10.49
C GLY B 44 -21.41 -6.11 10.34
N ASN B 45 -20.40 -5.49 9.72
CA ASN B 45 -19.12 -6.14 9.48
C ASN B 45 -17.95 -5.52 10.23
N ASN B 46 -18.16 -4.41 10.94
CA ASN B 46 -17.07 -3.65 11.59
C ASN B 46 -15.94 -3.35 10.61
N THR B 47 -16.31 -2.75 9.48
CA THR B 47 -15.36 -2.29 8.48
C THR B 47 -15.51 -0.78 8.32
N PHE B 48 -14.49 -0.16 7.74
CA PHE B 48 -14.50 1.28 7.51
C PHE B 48 -14.06 1.55 6.08
N ARG B 49 -14.54 2.66 5.53
CA ARG B 49 -14.02 3.11 4.24
C ARG B 49 -14.06 4.64 4.21
N VAL B 50 -13.18 5.22 3.40
CA VAL B 50 -13.14 6.66 3.14
C VAL B 50 -13.87 6.93 1.84
N VAL B 51 -14.80 7.87 1.86
CA VAL B 51 -15.58 8.25 0.69
C VAL B 51 -15.61 9.76 0.60
N GLY B 52 -15.42 10.28 -0.61
CA GLY B 52 -15.45 11.72 -0.81
C GLY B 52 -16.10 12.11 -2.11
N ARG B 53 -16.86 13.20 -2.04
CA ARG B 53 -17.61 13.77 -3.16
C ARG B 53 -17.21 15.20 -3.38
N LYS B 54 -16.98 15.58 -4.64
CA LYS B 54 -16.75 16.98 -4.96
C LYS B 54 -17.93 17.81 -4.48
N ILE B 55 -17.65 18.91 -3.78
CA ILE B 55 -18.73 19.75 -3.28
C ILE B 55 -19.54 20.33 -4.43
N GLN B 56 -18.86 20.81 -5.47
CA GLN B 56 -19.55 21.55 -6.52
C GLN B 56 -20.43 20.65 -7.36
N ASP B 57 -19.94 19.46 -7.73
CA ASP B 57 -20.60 18.61 -8.70
C ASP B 57 -20.79 17.18 -8.21
N HIS B 58 -20.46 16.90 -6.95
CA HIS B 58 -20.71 15.62 -6.28
C HIS B 58 -20.03 14.42 -6.95
N GLN B 59 -19.08 14.64 -7.85
CA GLN B 59 -18.30 13.53 -8.36
C GLN B 59 -17.69 12.79 -7.18
N VAL B 60 -17.81 11.47 -7.17
CA VAL B 60 -17.12 10.65 -6.18
C VAL B 60 -15.67 10.50 -6.61
N VAL B 61 -14.76 11.02 -5.79
CA VAL B 61 -13.33 11.05 -6.13
C VAL B 61 -12.51 10.09 -5.29
N ILE B 62 -13.06 9.53 -4.23
CA ILE B 62 -12.33 8.54 -3.43
C ILE B 62 -13.33 7.60 -2.77
N ASN B 63 -12.97 6.33 -2.73
CA ASN B 63 -13.80 5.30 -2.11
C ASN B 63 -12.83 4.18 -1.74
N CYS B 64 -12.23 4.30 -0.56
CA CYS B 64 -11.07 3.51 -0.19
C CYS B 64 -11.34 2.78 1.12
N ALA B 65 -11.12 1.47 1.12
CA ALA B 65 -11.25 0.70 2.35
C ALA B 65 -10.15 1.12 3.33
N ILE B 66 -10.47 1.02 4.61
CA ILE B 66 -9.47 1.24 5.65
C ILE B 66 -9.15 -0.11 6.28
N PRO B 67 -8.11 -0.80 5.83
CA PRO B 67 -7.78 -2.11 6.40
C PRO B 67 -7.12 -1.97 7.77
N LYS B 68 -7.20 -3.06 8.54
CA LYS B 68 -6.47 -3.14 9.79
C LYS B 68 -4.98 -2.93 9.55
N GLY B 69 -4.36 -2.05 10.35
CA GLY B 69 -2.95 -1.80 10.26
C GLY B 69 -2.52 -0.64 9.38
N LEU B 70 -3.45 0.04 8.72
CA LEU B 70 -3.10 1.12 7.82
C LEU B 70 -2.26 2.17 8.55
N LYS B 71 -1.22 2.65 7.89
CA LYS B 71 -0.40 3.74 8.41
C LYS B 71 -0.92 5.06 7.84
N TYR B 72 -1.47 5.90 8.72
CA TYR B 72 -2.04 7.20 8.36
C TYR B 72 -1.05 8.27 8.80
N ASN B 73 -0.43 8.95 7.83
CA ASN B 73 0.66 9.87 8.11
C ASN B 73 0.16 11.31 8.11
N GLN B 74 0.33 11.98 9.26
CA GLN B 74 -0.01 13.39 9.39
C GLN B 74 1.23 14.22 9.04
N ALA B 75 1.45 14.39 7.74
CA ALA B 75 2.67 15.04 7.25
C ALA B 75 2.78 16.46 7.79
N THR B 76 1.69 17.21 7.73
CA THR B 76 1.58 18.52 8.34
C THR B 76 0.25 18.58 9.08
N GLN B 77 0.00 19.72 9.72
CA GLN B 77 -1.23 19.90 10.46
C GLN B 77 -2.46 19.85 9.55
N THR B 78 -2.28 20.05 8.24
CA THR B 78 -3.40 20.08 7.31
C THR B 78 -3.27 19.16 6.11
N PHE B 79 -2.19 18.39 5.97
CA PHE B 79 -2.04 17.45 4.87
C PHE B 79 -1.70 16.09 5.44
N HIS B 80 -2.65 15.16 5.36
CA HIS B 80 -2.45 13.81 5.81
C HIS B 80 -2.51 12.87 4.62
N GLN B 81 -1.90 11.70 4.75
CA GLN B 81 -1.71 10.82 3.60
C GLN B 81 -1.60 9.38 4.08
N TRP B 82 -1.88 8.46 3.15
CA TRP B 82 -1.72 7.04 3.41
C TRP B 82 -1.55 6.34 2.07
N ARG B 83 -1.09 5.09 2.13
N ARG B 83 -1.09 5.10 2.13
CA ARG B 83 -0.74 4.32 0.95
CA ARG B 83 -0.76 4.31 0.95
C ARG B 83 -1.73 3.20 0.70
C ARG B 83 -1.81 3.23 0.70
N ASP B 84 -1.90 2.82 -0.56
CA ASP B 84 -2.34 1.48 -0.89
C ASP B 84 -1.51 1.04 -2.09
N ALA B 85 -1.71 -0.19 -2.53
CA ALA B 85 -0.83 -0.76 -3.54
C ALA B 85 -0.87 0.04 -4.83
N ARG B 86 -2.02 0.63 -5.14
CA ARG B 86 -2.22 1.30 -6.41
C ARG B 86 -1.70 2.73 -6.41
N GLN B 87 -1.80 3.44 -5.29
CA GLN B 87 -1.46 4.86 -5.27
C GLN B 87 -1.40 5.36 -3.84
N VAL B 88 -0.77 6.53 -3.68
CA VAL B 88 -0.76 7.25 -2.40
C VAL B 88 -1.89 8.28 -2.43
N TYR B 89 -2.68 8.30 -1.36
CA TYR B 89 -3.77 9.26 -1.18
C TYR B 89 -3.34 10.40 -0.26
N GLY B 90 -3.81 11.60 -0.56
CA GLY B 90 -3.58 12.75 0.30
C GLY B 90 -4.84 13.55 0.54
N LEU B 91 -4.97 14.07 1.75
CA LEU B 91 -6.03 15.01 2.08
C LEU B 91 -5.41 16.34 2.49
N ASN B 92 -5.69 17.39 1.72
CA ASN B 92 -5.21 18.73 2.02
C ASN B 92 -6.40 19.47 2.64
N PHE B 93 -6.46 19.49 3.97
CA PHE B 93 -7.64 19.96 4.66
C PHE B 93 -7.76 21.47 4.59
N GLY B 94 -9.01 21.95 4.59
CA GLY B 94 -9.23 23.38 4.58
C GLY B 94 -8.82 24.09 5.84
N SER B 95 -8.73 23.37 6.96
CA SER B 95 -8.34 23.99 8.22
C SER B 95 -7.74 22.93 9.13
N LYS B 96 -7.01 23.39 10.15
CA LYS B 96 -6.50 22.50 11.17
C LYS B 96 -7.63 21.78 11.89
N GLU B 97 -8.80 22.41 12.01
CA GLU B 97 -9.91 21.79 12.69
C GLU B 97 -10.46 20.61 11.89
N ASP B 98 -10.63 20.80 10.58
CA ASP B 98 -11.05 19.69 9.73
C ASP B 98 -10.08 18.54 9.82
N ALA B 99 -8.78 18.84 9.81
CA ALA B 99 -7.76 17.80 9.88
C ALA B 99 -7.88 16.99 11.17
N ASN B 100 -8.05 17.67 12.30
CA ASN B 100 -8.03 16.99 13.59
C ASN B 100 -9.29 16.15 13.77
N VAL B 101 -10.44 16.64 13.30
CA VAL B 101 -11.67 15.85 13.36
C VAL B 101 -11.53 14.58 12.56
N PHE B 102 -10.94 14.66 11.35
CA PHE B 102 -10.82 13.49 10.51
C PHE B 102 -9.79 12.52 11.06
N ALA B 103 -8.63 13.02 11.48
CA ALA B 103 -7.60 12.14 12.01
C ALA B 103 -8.07 11.46 13.29
N SER B 104 -8.76 12.20 14.16
CA SER B 104 -9.28 11.61 15.38
C SER B 104 -10.17 10.41 15.04
N ALA B 105 -11.06 10.58 14.05
CA ALA B 105 -11.93 9.48 13.65
C ALA B 105 -11.12 8.34 13.04
N MET B 106 -10.16 8.67 12.16
CA MET B 106 -9.30 7.65 11.59
C MET B 106 -8.57 6.88 12.68
N MET B 107 -7.93 7.60 13.60
CA MET B 107 -7.18 6.94 14.66
C MET B 107 -8.08 6.08 15.52
N HIS B 108 -9.36 6.43 15.64
CA HIS B 108 -10.27 5.62 16.42
C HIS B 108 -10.67 4.39 15.63
N ALA B 109 -11.01 4.57 14.35
CA ALA B 109 -11.32 3.46 13.46
C ALA B 109 -10.19 2.42 13.47
N LEU B 110 -8.95 2.88 13.37
CA LEU B 110 -7.82 1.97 13.35
C LEU B 110 -7.67 1.23 14.68
N GLU B 111 -8.07 1.86 15.78
CA GLU B 111 -7.98 1.19 17.08
C GLU B 111 -8.99 0.05 17.19
N VAL B 112 -10.19 0.23 16.65
CA VAL B 112 -11.26 -0.73 16.86
C VAL B 112 -11.32 -1.81 15.78
N LEU B 113 -10.54 -1.68 14.71
CA LEU B 113 -10.43 -2.77 13.76
C LEU B 113 -9.61 -3.90 14.38
N PRO C 3 9.53 5.06 -1.18
CA PRO C 3 10.79 5.45 -0.47
C PRO C 3 11.91 5.22 -1.35
N PRO C 4 13.07 5.78 -1.06
CA PRO C 4 14.31 5.49 -1.84
C PRO C 4 14.82 4.22 -1.41
N PRO D 3 2.18 -21.12 4.87
CA PRO D 3 0.84 -20.91 5.49
C PRO D 3 0.01 -20.37 4.49
N PRO D 4 -1.30 -20.33 4.78
CA PRO D 4 -2.36 -19.84 3.83
C PRO D 4 -2.34 -18.45 3.76
N PRO E 3 5.56 10.68 0.11
CA PRO E 3 5.99 11.87 -0.67
C PRO E 3 5.57 13.03 0.03
N PRO E 4 6.33 14.13 -0.14
CA PRO E 4 6.05 15.41 0.58
C PRO E 4 4.96 16.05 -0.02
#